data_8Q6N
#
_entry.id   8Q6N
#
_cell.length_a   72.811
_cell.length_b   85.091
_cell.length_c   97.162
_cell.angle_alpha   90
_cell.angle_beta   90
_cell.angle_gamma   90
#
_symmetry.space_group_name_H-M   'I 2 2 2'
#
loop_
_entity.id
_entity.type
_entity.pdbx_description
1 polymer 'Xanthin riboswitch NMT-46 (46-MER)'
2 non-polymer Oxypurinol
3 water water
#
_entity_poly.entity_id   1
_entity_poly.type   'polyribonucleotide'
_entity_poly.pdbx_seq_one_letter_code
;GGAGUAGAAGCGUUCAGCGGCCGAAAGGCCGCCCGGAAAUUGCUCC
;
_entity_poly.pdbx_strand_id   A
#